data_8OKH
#
_entry.id   8OKH
#
_cell.length_a   90.159
_cell.length_b   90.159
_cell.length_c   112.552
_cell.angle_alpha   90.00
_cell.angle_beta   90.00
_cell.angle_gamma   90.00
#
_symmetry.space_group_name_H-M   'P 43 21 2'
#
loop_
_entity.id
_entity.type
_entity.pdbx_description
1 polymer 'DUF2807 domain-containing protein'
2 non-polymer GLYCEROL
3 non-polymer 1,2-ETHANEDIOL
4 water water
#
_entity_poly.entity_id   1
_entity_poly.type   'polypeptide(L)'
_entity_poly.pdbx_seq_one_letter_code
;SAAAAGFVETAGNACEWTPGRYELSETEGRVRIPNGLYVKKEETSKIARGSCTFALTLKAPAGKKIVVRDSQQLISLRAY
PQQTRVKAEVEIFKAGSQGAKQTLEIVAAEKAEKTTQYVGQKDVLLETACGGSDILRGNLSATIIGEGKGRAFAKNVTLD
IQEVDCNLEHHHHHH
;
_entity_poly.pdbx_strand_id   A,B
#
loop_
_chem_comp.id
_chem_comp.type
_chem_comp.name
_chem_comp.formula
EDO non-polymer 1,2-ETHANEDIOL 'C2 H6 O2'
GOL non-polymer GLYCEROL 'C3 H8 O3'
#
# COMPACT_ATOMS: atom_id res chain seq x y z
N ALA A 4 16.84 14.38 17.09
CA ALA A 4 15.71 14.12 17.99
C ALA A 4 14.87 15.39 18.16
N ALA A 5 15.53 16.56 18.09
CA ALA A 5 14.91 17.86 18.44
C ALA A 5 14.95 18.80 17.23
N GLY A 6 14.19 18.48 16.19
CA GLY A 6 14.02 19.27 14.97
C GLY A 6 12.66 19.96 14.91
N PHE A 7 12.14 20.11 13.69
CA PHE A 7 10.83 20.78 13.59
C PHE A 7 10.09 20.40 12.30
N VAL A 8 8.76 20.51 12.37
CA VAL A 8 7.92 20.08 11.22
C VAL A 8 6.98 21.20 10.75
N GLU A 9 6.93 21.44 9.44
CA GLU A 9 6.01 22.39 8.82
C GLU A 9 4.95 21.60 8.05
N THR A 10 3.67 21.87 8.28
CA THR A 10 2.65 21.21 7.49
C THR A 10 1.89 22.25 6.68
N ALA A 11 1.29 21.81 5.58
CA ALA A 11 0.57 22.68 4.67
C ALA A 11 -0.46 21.89 3.89
N GLY A 12 -1.48 22.59 3.41
CA GLY A 12 -2.46 21.98 2.55
C GLY A 12 -3.87 22.32 3.00
N ASN A 13 -4.82 22.11 2.11
CA ASN A 13 -6.23 22.44 2.33
C ASN A 13 -7.02 21.35 3.03
N ALA A 14 -6.44 20.18 3.30
CA ALA A 14 -7.20 19.11 3.94
C ALA A 14 -6.54 18.58 5.23
N CYS A 15 -5.50 19.24 5.75
CA CYS A 15 -4.97 18.84 7.05
C CYS A 15 -6.08 18.91 8.10
N GLU A 16 -6.18 17.89 8.93
CA GLU A 16 -7.22 17.96 9.96
C GLU A 16 -6.83 18.97 11.02
N TRP A 17 -5.55 19.04 11.32
CA TRP A 17 -5.02 19.93 12.32
C TRP A 17 -4.42 21.13 11.61
N THR A 18 -4.64 22.29 12.20
CA THR A 18 -4.29 23.56 11.60
C THR A 18 -2.86 23.58 11.10
N PRO A 19 -2.63 23.79 9.80
CA PRO A 19 -1.28 23.79 9.25
C PRO A 19 -0.37 24.85 9.89
N GLY A 20 0.90 24.48 10.10
CA GLY A 20 1.84 25.41 10.70
C GLY A 20 3.15 24.72 11.06
N ARG A 21 3.91 25.37 11.95
CA ARG A 21 5.17 24.83 12.47
C ARG A 21 4.94 24.19 13.83
N TYR A 22 5.45 22.97 14.01
CA TYR A 22 5.33 22.19 15.23
C TYR A 22 6.70 21.73 15.71
N GLU A 23 6.79 21.45 17.00
CA GLU A 23 8.02 20.94 17.59
C GLU A 23 7.98 19.42 17.67
N LEU A 24 9.17 18.83 17.73
CA LEU A 24 9.28 17.38 17.76
C LEU A 24 9.04 16.85 19.16
N SER A 25 8.17 15.85 19.26
CA SER A 25 7.95 15.19 20.54
C SER A 25 7.82 13.70 20.28
N GLU A 26 8.59 12.92 21.05
CA GLU A 26 8.65 11.48 20.92
C GLU A 26 7.67 10.79 21.85
N THR A 27 6.59 10.30 21.29
CA THR A 27 5.60 9.51 22.03
C THR A 27 5.95 8.04 21.86
N GLU A 28 6.39 7.38 22.93
CA GLU A 28 6.64 5.93 22.91
C GLU A 28 7.73 5.51 21.90
N GLY A 29 8.80 6.30 21.78
CA GLY A 29 9.89 6.05 20.83
C GLY A 29 9.61 6.38 19.38
N ARG A 30 8.37 6.72 19.04
CA ARG A 30 7.95 7.04 17.69
C ARG A 30 7.44 8.47 17.64
N VAL A 31 7.84 9.18 16.60
CA VAL A 31 7.49 10.58 16.42
C VAL A 31 6.17 10.65 15.65
N ARG A 32 5.19 11.42 16.16
CA ARG A 32 3.95 11.69 15.43
C ARG A 32 4.10 13.00 14.66
N ILE A 33 3.87 12.92 13.35
CA ILE A 33 3.85 14.15 12.51
C ILE A 33 2.38 14.50 12.31
N PRO A 34 1.95 15.75 12.52
CA PRO A 34 0.51 16.10 12.48
C PRO A 34 0.01 16.33 11.07
N ASN A 35 0.17 15.32 10.22
CA ASN A 35 -0.27 15.43 8.83
C ASN A 35 -1.55 14.65 8.60
N GLY A 36 -2.34 14.42 9.65
CA GLY A 36 -3.60 13.74 9.47
C GLY A 36 -4.45 14.49 8.46
N LEU A 37 -5.22 13.72 7.67
CA LEU A 37 -5.98 14.25 6.56
C LEU A 37 -7.47 13.92 6.65
N TYR A 38 -8.32 14.88 6.32
CA TYR A 38 -9.77 14.66 6.30
C TYR A 38 -10.38 15.27 5.04
N VAL A 39 -11.02 14.43 4.21
CA VAL A 39 -11.67 14.83 2.95
C VAL A 39 -13.03 14.17 2.87
N LYS A 40 -14.06 14.94 2.58
CA LYS A 40 -15.44 14.46 2.56
C LYS A 40 -16.16 14.94 1.30
N LYS A 41 -17.08 14.13 0.81
CA LYS A 41 -17.87 14.52 -0.36
C LYS A 41 -19.32 14.15 -0.15
N GLU A 42 -20.19 15.08 -0.46
CA GLU A 42 -21.61 14.83 -0.43
C GLU A 42 -22.09 14.45 -1.82
N GLU A 43 -23.39 14.14 -1.94
CA GLU A 43 -23.98 13.88 -3.25
C GLU A 43 -24.15 15.16 -4.07
N THR A 44 -23.95 16.31 -3.46
CA THR A 44 -24.06 17.58 -4.10
C THR A 44 -22.82 17.92 -4.92
N SER A 45 -21.81 17.06 -4.92
CA SER A 45 -20.64 17.34 -5.71
C SER A 45 -20.11 16.05 -6.30
N LYS A 46 -19.54 16.17 -7.48
CA LYS A 46 -19.05 14.99 -8.19
C LYS A 46 -17.57 14.73 -7.92
N ILE A 47 -16.93 15.65 -7.19
CA ILE A 47 -15.47 15.49 -6.92
C ILE A 47 -15.02 16.29 -5.69
N ALA A 48 -14.22 15.66 -4.82
CA ALA A 48 -13.58 16.32 -3.69
C ALA A 48 -12.13 15.88 -3.68
N ARG A 49 -11.22 16.81 -3.38
CA ARG A 49 -9.81 16.49 -3.32
C ARG A 49 -9.18 17.26 -2.18
N GLY A 50 -8.19 16.66 -1.54
CA GLY A 50 -7.52 17.35 -0.43
C GLY A 50 -6.12 16.83 -0.24
N SER A 51 -5.27 17.68 0.32
CA SER A 51 -3.90 17.25 0.51
C SER A 51 -3.38 17.83 1.82
N CYS A 52 -2.45 17.09 2.44
CA CYS A 52 -1.67 17.56 3.56
C CYS A 52 -0.23 17.11 3.36
N THR A 53 0.68 18.06 3.32
CA THR A 53 2.09 17.82 3.10
C THR A 53 2.84 18.28 4.34
N PHE A 54 4.01 17.71 4.57
CA PHE A 54 4.90 18.17 5.64
C PHE A 54 6.34 18.23 5.18
N ALA A 55 7.10 19.10 5.84
CA ALA A 55 8.53 19.26 5.68
C ALA A 55 9.17 19.16 7.05
N LEU A 56 9.98 18.15 7.26
CA LEU A 56 10.56 17.88 8.56
C LEU A 56 12.04 18.16 8.48
N THR A 57 12.50 19.20 9.16
CA THR A 57 13.91 19.56 9.14
C THR A 57 14.60 18.94 10.35
N LEU A 58 15.64 18.14 10.06
CA LEU A 58 16.35 17.31 11.02
C LEU A 58 17.81 17.72 11.04
N LYS A 59 18.29 18.12 12.21
CA LYS A 59 19.68 18.57 12.40
C LYS A 59 20.37 17.57 13.31
N ALA A 60 21.34 16.88 12.78
CA ALA A 60 22.05 15.92 13.58
C ALA A 60 23.10 16.61 14.44
N PRO A 61 23.22 16.29 15.74
CA PRO A 61 24.28 16.87 16.57
C PRO A 61 25.64 16.43 16.00
N ALA A 62 26.68 17.20 16.29
CA ALA A 62 28.03 16.88 15.77
C ALA A 62 28.43 15.47 16.24
N GLY A 63 29.10 14.71 15.37
CA GLY A 63 29.52 13.35 15.72
C GLY A 63 28.33 12.43 15.88
N LYS A 64 27.15 12.90 15.46
CA LYS A 64 25.92 12.08 15.59
C LYS A 64 25.23 12.00 14.22
N LYS A 65 24.39 10.99 14.02
CA LYS A 65 23.67 10.85 12.75
C LYS A 65 22.18 10.64 13.06
N ILE A 66 21.28 11.21 12.27
CA ILE A 66 19.84 11.01 12.50
C ILE A 66 19.31 10.06 11.45
N VAL A 67 18.55 9.06 11.87
CA VAL A 67 18.03 8.06 10.96
C VAL A 67 16.52 7.90 11.16
N VAL A 68 15.78 7.93 10.05
CA VAL A 68 14.33 7.81 10.01
C VAL A 68 13.98 6.56 9.23
N ARG A 69 13.14 5.69 9.83
CA ARG A 69 12.69 4.44 9.23
C ARG A 69 11.26 4.11 9.66
N ASP A 70 10.68 3.14 8.94
CA ASP A 70 9.45 2.47 9.36
C ASP A 70 8.27 3.44 9.59
N SER A 71 7.84 4.09 8.51
CA SER A 71 6.65 4.93 8.61
C SER A 71 5.39 4.06 8.67
N GLN A 72 4.36 4.61 9.28
CA GLN A 72 3.10 3.91 9.50
C GLN A 72 2.02 4.97 9.61
N GLN A 73 0.99 4.89 8.76
CA GLN A 73 -0.09 5.87 8.77
C GLN A 73 -1.40 5.13 8.59
N LEU A 74 -2.34 5.28 9.54
CA LEU A 74 -3.63 4.61 9.45
C LEU A 74 -4.56 5.39 8.56
N ILE A 75 -5.05 4.75 7.50
CA ILE A 75 -5.89 5.35 6.49
C ILE A 75 -7.23 4.62 6.45
N SER A 76 -8.32 5.36 6.49
CA SER A 76 -9.67 4.81 6.52
C SER A 76 -10.49 5.46 5.43
N LEU A 77 -10.93 4.63 4.49
CA LEU A 77 -11.73 5.08 3.36
C LEU A 77 -13.14 4.53 3.51
N ARG A 78 -14.11 5.42 3.28
CA ARG A 78 -15.54 5.03 3.32
C ARG A 78 -16.21 5.57 2.06
N ALA A 79 -16.92 4.71 1.32
CA ALA A 79 -17.60 5.10 0.08
C ALA A 79 -19.04 4.60 0.16
N TYR A 80 -20.00 5.46 -0.19
CA TYR A 80 -21.40 5.04 -0.17
C TYR A 80 -21.95 5.01 -1.59
N PRO A 81 -22.90 4.12 -1.89
CA PRO A 81 -23.46 4.08 -3.25
C PRO A 81 -24.20 5.36 -3.58
N GLN A 82 -24.36 5.62 -4.88
CA GLN A 82 -24.04 4.74 -5.99
C GLN A 82 -22.82 5.26 -6.68
N GLN A 83 -21.94 4.38 -7.11
CA GLN A 83 -20.81 4.76 -7.96
C GLN A 83 -19.96 5.88 -7.34
N THR A 84 -19.35 5.56 -6.21
CA THR A 84 -18.41 6.49 -5.59
C THR A 84 -17.06 5.82 -5.45
N ARG A 85 -16.00 6.56 -5.80
CA ARG A 85 -14.63 6.07 -5.74
CA ARG A 85 -14.63 6.07 -5.74
C ARG A 85 -13.87 6.92 -4.76
N VAL A 86 -13.13 6.28 -3.87
CA VAL A 86 -12.31 7.00 -2.91
C VAL A 86 -10.88 6.48 -3.02
N LYS A 87 -9.92 7.38 -3.15
CA LYS A 87 -8.53 6.99 -3.34
C LYS A 87 -7.60 7.89 -2.52
N ALA A 88 -6.72 7.28 -1.75
CA ALA A 88 -5.66 7.97 -1.03
C ALA A 88 -4.30 7.64 -1.65
N GLU A 89 -3.42 8.64 -1.71
CA GLU A 89 -2.07 8.52 -2.25
C GLU A 89 -1.13 9.10 -1.21
N VAL A 90 -0.05 8.39 -0.94
CA VAL A 90 0.89 8.80 0.09
C VAL A 90 2.30 8.61 -0.45
N GLU A 91 3.19 9.52 -0.06
CA GLU A 91 4.53 9.56 -0.64
C GLU A 91 5.45 10.23 0.39
N ILE A 92 6.48 9.52 0.89
CA ILE A 92 7.48 10.10 1.78
C ILE A 92 8.86 9.99 1.16
N PHE A 93 9.67 11.04 1.31
CA PHE A 93 10.95 11.05 0.60
C PHE A 93 11.87 12.13 1.16
N LYS A 94 13.16 11.91 0.98
CA LYS A 94 14.14 12.92 1.32
C LYS A 94 14.10 14.02 0.27
N ALA A 95 14.09 15.27 0.72
CA ALA A 95 14.11 16.39 -0.22
C ALA A 95 15.22 16.24 -1.24
N GLY A 96 14.91 16.45 -2.51
CA GLY A 96 15.91 16.26 -3.53
C GLY A 96 16.03 14.84 -4.04
N SER A 97 15.41 13.88 -3.36
CA SER A 97 15.42 12.51 -3.79
C SER A 97 14.03 12.06 -4.21
N GLN A 98 14.02 10.90 -4.87
CA GLN A 98 12.79 10.24 -5.26
C GLN A 98 12.32 9.38 -4.11
N GLY A 99 11.01 9.14 -4.06
CA GLY A 99 10.43 8.23 -3.11
C GLY A 99 9.50 7.26 -3.82
N ALA A 100 8.98 6.31 -3.05
CA ALA A 100 7.99 5.36 -3.52
C ALA A 100 6.60 5.82 -3.14
N LYS A 101 5.67 5.75 -4.09
CA LYS A 101 4.31 6.23 -3.92
C LYS A 101 3.37 5.05 -3.71
N GLN A 102 2.53 5.13 -2.68
CA GLN A 102 1.58 4.08 -2.39
C GLN A 102 0.16 4.63 -2.46
N THR A 103 -0.79 3.83 -2.96
CA THR A 103 -2.18 4.25 -3.06
C THR A 103 -3.09 3.16 -2.55
N LEU A 104 -4.25 3.60 -2.06
CA LEU A 104 -5.26 2.70 -1.55
C LEU A 104 -6.61 3.22 -2.03
N GLU A 105 -7.47 2.32 -2.52
CA GLU A 105 -8.67 2.76 -3.23
C GLU A 105 -9.81 1.76 -3.02
N ILE A 106 -11.02 2.28 -2.88
CA ILE A 106 -12.21 1.43 -2.88
C ILE A 106 -13.25 2.09 -3.77
N VAL A 107 -14.26 1.32 -4.13
CA VAL A 107 -15.36 1.82 -4.95
C VAL A 107 -16.66 1.27 -4.39
N ALA A 108 -17.60 2.14 -4.07
CA ALA A 108 -18.96 1.75 -3.78
C ALA A 108 -19.72 1.69 -5.09
N ALA A 109 -20.27 0.55 -5.42
CA ALA A 109 -21.10 0.46 -6.60
C ALA A 109 -22.55 0.52 -6.13
N GLU A 110 -23.07 -0.60 -5.62
CA GLU A 110 -24.45 -0.69 -5.19
C GLU A 110 -24.66 -0.64 -3.67
N LYS A 111 -23.62 -0.91 -2.88
CA LYS A 111 -23.70 -0.90 -1.43
C LYS A 111 -22.48 -0.16 -0.88
N ALA A 112 -22.55 0.21 0.41
CA ALA A 112 -21.48 0.92 1.11
C ALA A 112 -20.23 0.05 1.20
N GLU A 113 -19.06 0.69 1.16
CA GLU A 113 -17.79 -0.03 1.19
C GLU A 113 -16.82 0.67 2.11
N LYS A 114 -15.92 -0.10 2.72
CA LYS A 114 -14.96 0.48 3.66
C LYS A 114 -13.66 -0.27 3.60
N THR A 115 -12.61 0.43 4.02
CA THR A 115 -11.33 -0.21 4.25
C THR A 115 -10.54 0.65 5.24
N THR A 116 -9.84 -0.02 6.14
CA THR A 116 -9.00 0.67 7.12
C THR A 116 -7.67 -0.04 7.17
N GLN A 117 -6.60 0.62 6.72
CA GLN A 117 -5.31 -0.03 6.62
C GLN A 117 -4.15 0.88 6.99
N TYR A 118 -3.07 0.25 7.47
CA TYR A 118 -1.81 0.95 7.67
C TYR A 118 -1.04 0.96 6.37
N VAL A 119 -0.51 2.12 6.04
CA VAL A 119 0.31 2.34 4.85
C VAL A 119 1.63 2.96 5.30
N GLY A 120 2.75 2.39 4.88
CA GLY A 120 4.05 2.90 5.27
C GLY A 120 5.15 2.07 4.65
N GLN A 121 6.37 2.55 4.82
CA GLN A 121 7.57 1.88 4.32
C GLN A 121 8.35 1.42 5.53
N LYS A 122 8.69 0.14 5.58
CA LYS A 122 9.35 -0.38 6.77
C LYS A 122 10.81 0.03 6.86
N ASP A 123 11.43 0.32 5.72
CA ASP A 123 12.86 0.48 5.60
C ASP A 123 13.33 1.93 5.91
N VAL A 124 14.65 2.14 5.89
CA VAL A 124 15.20 3.45 6.19
C VAL A 124 14.71 4.45 5.18
N LEU A 125 14.10 5.52 5.64
CA LEU A 125 13.61 6.56 4.73
C LEU A 125 14.58 7.71 4.59
N LEU A 126 15.40 7.96 5.59
CA LEU A 126 16.31 9.09 5.54
C LEU A 126 17.47 8.85 6.48
N GLU A 127 18.65 9.35 6.09
CA GLU A 127 19.84 9.24 6.93
C GLU A 127 20.76 10.43 6.64
N THR A 128 20.92 11.30 7.64
CA THR A 128 21.78 12.45 7.48
C THR A 128 23.23 12.01 7.48
N ALA A 129 24.09 12.94 7.06
CA ALA A 129 25.51 12.77 7.29
C ALA A 129 25.80 12.94 8.78
N CYS A 130 27.06 12.73 9.15
CA CYS A 130 27.46 12.95 10.52
C CYS A 130 27.40 14.44 10.83
N GLY A 131 26.73 14.77 11.93
CA GLY A 131 26.49 16.16 12.25
C GLY A 131 25.70 16.88 11.18
N GLY A 132 24.98 16.14 10.34
CA GLY A 132 24.37 16.69 9.15
C GLY A 132 22.92 17.11 9.33
N SER A 133 22.38 17.66 8.26
CA SER A 133 21.00 18.13 8.23
C SER A 133 20.35 17.70 6.93
N ASP A 134 19.09 17.31 7.04
CA ASP A 134 18.31 16.92 5.87
C ASP A 134 16.86 17.29 6.13
N ILE A 135 16.06 17.28 5.06
CA ILE A 135 14.62 17.53 5.13
C ILE A 135 13.89 16.29 4.62
N LEU A 136 12.97 15.79 5.43
CA LEU A 136 12.07 14.70 5.03
C LEU A 136 10.71 15.28 4.68
N ARG A 137 10.28 15.09 3.45
CA ARG A 137 8.97 15.56 3.04
C ARG A 137 7.97 14.42 2.96
N GLY A 138 6.69 14.80 3.00
CA GLY A 138 5.62 13.87 2.79
C GLY A 138 4.43 14.52 2.12
N ASN A 139 3.97 13.94 1.01
CA ASN A 139 2.72 14.33 0.38
C ASN A 139 1.70 13.28 0.78
N LEU A 140 0.51 13.73 1.17
CA LEU A 140 -0.62 12.85 1.41
C LEU A 140 -1.85 13.47 0.78
N SER A 141 -2.60 12.71 0.00
CA SER A 141 -3.71 13.34 -0.67
C SER A 141 -4.83 12.32 -0.85
N ALA A 142 -6.06 12.83 -1.00
CA ALA A 142 -7.20 11.97 -1.26
C ALA A 142 -8.09 12.62 -2.29
N THR A 143 -8.72 11.77 -3.10
CA THR A 143 -9.64 12.15 -4.15
C THR A 143 -10.85 11.27 -4.04
N ILE A 144 -12.03 11.88 -4.02
CA ILE A 144 -13.31 11.20 -4.01
C ILE A 144 -14.06 11.66 -5.24
N ILE A 145 -14.51 10.72 -6.05
CA ILE A 145 -15.20 11.03 -7.30
C ILE A 145 -16.42 10.13 -7.43
N GLY A 146 -17.57 10.71 -7.79
CA GLY A 146 -18.72 9.89 -8.13
C GLY A 146 -20.01 10.49 -7.63
N GLU A 147 -21.06 9.68 -7.60
CA GLU A 147 -22.40 10.15 -7.30
C GLU A 147 -22.79 10.11 -5.82
N GLY A 148 -22.14 9.26 -5.01
CA GLY A 148 -22.51 9.07 -3.62
C GLY A 148 -21.65 9.88 -2.67
N LYS A 149 -21.94 9.73 -1.37
CA LYS A 149 -21.11 10.31 -0.32
C LYS A 149 -19.81 9.53 -0.16
N GLY A 150 -18.80 10.18 0.42
CA GLY A 150 -17.50 9.53 0.60
C GLY A 150 -16.64 10.29 1.58
N ARG A 151 -15.69 9.57 2.16
CA ARG A 151 -14.78 10.17 3.13
C ARG A 151 -13.44 9.46 3.08
N ALA A 152 -12.37 10.23 3.14
CA ALA A 152 -11.02 9.71 3.34
C ALA A 152 -10.44 10.37 4.57
N PHE A 153 -10.05 9.56 5.55
CA PHE A 153 -9.52 10.02 6.82
C PHE A 153 -8.19 9.32 7.08
N ALA A 154 -7.14 10.09 7.38
CA ALA A 154 -5.83 9.53 7.69
C ALA A 154 -5.43 10.08 9.04
N LYS A 155 -4.97 9.18 9.92
CA LYS A 155 -4.44 9.64 11.22
C LYS A 155 -3.01 10.12 10.99
N ASN A 156 -2.46 10.86 11.95
CA ASN A 156 -1.09 11.35 11.82
C ASN A 156 -0.16 10.20 11.48
N VAL A 157 0.87 10.48 10.67
CA VAL A 157 1.87 9.44 10.42
C VAL A 157 2.82 9.36 11.60
N THR A 158 3.26 8.15 11.94
CA THR A 158 4.32 8.01 12.93
C THR A 158 5.57 7.43 12.26
N LEU A 159 6.72 7.78 12.82
CA LEU A 159 8.04 7.50 12.28
C LEU A 159 8.96 7.01 13.41
N ASP A 160 9.85 6.08 13.08
CA ASP A 160 10.95 5.75 13.99
C ASP A 160 12.11 6.67 13.64
N ILE A 161 12.40 7.63 14.51
CA ILE A 161 13.55 8.51 14.36
C ILE A 161 14.49 8.30 15.53
N GLN A 162 15.76 8.04 15.22
CA GLN A 162 16.74 7.72 16.24
C GLN A 162 18.06 8.39 15.92
N GLU A 163 18.73 8.90 16.95
CA GLU A 163 20.10 9.39 16.81
C GLU A 163 21.04 8.19 16.95
N VAL A 164 22.03 8.12 16.09
CA VAL A 164 22.96 7.01 16.05
C VAL A 164 24.40 7.53 16.17
N ASP A 165 25.26 6.72 16.81
CA ASP A 165 26.66 7.11 17.04
C ASP A 165 27.44 7.02 15.73
N CYS A 166 28.06 8.13 15.32
CA CYS A 166 29.06 8.08 14.25
C CYS A 166 30.35 7.66 14.93
N ASN A 167 30.75 6.40 14.77
CA ASN A 167 31.95 5.93 15.53
C ASN A 167 32.80 4.98 14.69
N LEU A 168 32.94 5.27 13.39
CA LEU A 168 33.78 4.42 12.50
C LEU A 168 33.95 5.11 11.14
N GLU A 169 34.72 4.51 10.24
CA GLU A 169 34.89 5.08 8.88
C GLU A 169 35.02 3.92 7.88
N GLY B 6 -10.83 -27.77 -2.36
CA GLY B 6 -9.99 -26.57 -2.38
C GLY B 6 -8.83 -26.51 -3.39
N PHE B 7 -8.91 -25.59 -4.36
CA PHE B 7 -7.89 -25.55 -5.42
C PHE B 7 -7.78 -24.16 -6.03
N VAL B 8 -6.61 -23.85 -6.59
CA VAL B 8 -6.41 -22.54 -7.20
C VAL B 8 -6.12 -22.67 -8.69
N GLU B 9 -6.72 -21.80 -9.50
CA GLU B 9 -6.36 -21.66 -10.92
C GLU B 9 -5.74 -20.28 -11.15
N THR B 10 -4.59 -20.24 -11.81
CA THR B 10 -3.96 -18.98 -12.20
C THR B 10 -3.98 -18.82 -13.71
N ALA B 11 -3.87 -17.57 -14.13
CA ALA B 11 -3.90 -17.24 -15.55
C ALA B 11 -3.14 -15.95 -15.74
N GLY B 12 -2.59 -15.76 -16.94
CA GLY B 12 -2.00 -14.47 -17.30
C GLY B 12 -0.67 -14.48 -17.99
N ASN B 13 -0.36 -13.39 -18.66
CA ASN B 13 0.81 -13.40 -19.53
C ASN B 13 2.13 -13.16 -18.81
N ALA B 14 2.13 -12.79 -17.52
CA ALA B 14 3.39 -12.53 -16.83
C ALA B 14 3.51 -13.33 -15.54
N CYS B 15 2.66 -14.32 -15.32
CA CYS B 15 2.86 -15.23 -14.21
C CYS B 15 4.24 -15.87 -14.31
N GLU B 16 4.97 -15.86 -13.20
CA GLU B 16 6.30 -16.46 -13.24
C GLU B 16 6.23 -17.98 -13.34
N TRP B 17 5.25 -18.58 -12.69
CA TRP B 17 5.04 -20.02 -12.74
C TRP B 17 3.91 -20.33 -13.70
N THR B 18 4.08 -21.41 -14.44
CA THR B 18 3.18 -21.75 -15.53
C THR B 18 1.72 -21.65 -15.10
N PRO B 19 0.91 -20.79 -15.72
CA PRO B 19 -0.49 -20.71 -15.32
C PRO B 19 -1.15 -22.08 -15.43
N GLY B 20 -2.03 -22.39 -14.49
CA GLY B 20 -2.72 -23.66 -14.51
C GLY B 20 -3.56 -23.86 -13.26
N ARG B 21 -3.93 -25.12 -13.02
CA ARG B 21 -4.66 -25.53 -11.83
C ARG B 21 -3.67 -26.18 -10.86
N TYR B 22 -3.73 -25.74 -9.61
CA TYR B 22 -2.85 -26.20 -8.55
C TYR B 22 -3.70 -26.62 -7.36
N GLU B 23 -3.17 -27.52 -6.52
CA GLU B 23 -3.85 -27.83 -5.28
C GLU B 23 -3.21 -27.05 -4.16
N LEU B 24 -4.01 -26.71 -3.15
CA LEU B 24 -3.54 -25.89 -2.04
C LEU B 24 -2.90 -26.72 -0.95
N SER B 25 -1.79 -26.21 -0.42
CA SER B 25 -1.16 -26.83 0.73
C SER B 25 -0.75 -25.71 1.67
N GLU B 26 -0.97 -25.96 2.95
CA GLU B 26 -0.72 -25.01 4.03
C GLU B 26 0.71 -25.22 4.51
N THR B 27 1.59 -24.26 4.22
CA THR B 27 3.02 -24.44 4.51
C THR B 27 3.30 -24.24 6.00
N GLU B 28 3.05 -23.03 6.53
CA GLU B 28 3.17 -22.71 7.94
C GLU B 28 1.87 -22.18 8.51
N GLY B 29 0.76 -22.81 8.17
CA GLY B 29 -0.55 -22.25 8.45
C GLY B 29 -0.93 -21.18 7.44
N ARG B 30 0.00 -20.82 6.57
CA ARG B 30 -0.22 -19.83 5.52
C ARG B 30 -0.12 -20.53 4.18
N VAL B 31 -1.09 -20.28 3.31
CA VAL B 31 -1.18 -20.85 1.98
C VAL B 31 -0.46 -19.94 1.01
N ARG B 32 0.39 -20.52 0.15
CA ARG B 32 1.02 -19.75 -0.92
C ARG B 32 0.16 -19.91 -2.17
N ILE B 33 -0.25 -18.77 -2.74
CA ILE B 33 -0.93 -18.79 -4.07
C ILE B 33 0.17 -18.47 -5.08
N PRO B 34 0.36 -19.30 -6.12
CA PRO B 34 1.49 -19.17 -7.06
C PRO B 34 1.20 -18.17 -8.17
N ASN B 35 0.84 -16.95 -7.78
CA ASN B 35 0.51 -15.89 -8.70
C ASN B 35 1.67 -14.91 -8.83
N GLY B 36 2.90 -15.37 -8.59
CA GLY B 36 4.05 -14.48 -8.72
C GLY B 36 4.19 -13.92 -10.12
N LEU B 37 4.67 -12.67 -10.19
CA LEU B 37 4.68 -11.90 -11.43
C LEU B 37 6.09 -11.41 -11.75
N TYR B 38 6.49 -11.51 -13.02
CA TYR B 38 7.77 -10.96 -13.47
C TYR B 38 7.53 -10.20 -14.75
N VAL B 39 7.84 -8.91 -14.72
CA VAL B 39 7.68 -8.07 -15.89
C VAL B 39 8.95 -7.25 -16.04
N LYS B 40 9.53 -7.25 -17.23
CA LYS B 40 10.78 -6.54 -17.47
C LYS B 40 10.64 -5.73 -18.76
N LYS B 41 11.32 -4.59 -18.79
CA LYS B 41 11.31 -3.73 -20.01
C LYS B 41 12.74 -3.31 -20.34
N GLU B 42 13.14 -3.49 -21.60
CA GLU B 42 14.45 -3.05 -22.04
C GLU B 42 14.36 -1.62 -22.60
N GLU B 43 15.48 -1.10 -23.06
CA GLU B 43 15.44 0.21 -23.71
C GLU B 43 14.85 0.15 -25.12
N THR B 44 14.56 -1.04 -25.63
CA THR B 44 14.01 -1.16 -26.98
C THR B 44 12.53 -0.85 -27.06
N SER B 45 11.84 -0.61 -25.94
CA SER B 45 10.42 -0.27 -26.01
C SER B 45 10.08 0.71 -24.91
N LYS B 46 9.01 1.47 -25.14
CA LYS B 46 8.60 2.50 -24.19
C LYS B 46 7.63 2.00 -23.13
N ILE B 47 7.18 0.74 -23.19
CA ILE B 47 6.22 0.26 -22.20
C ILE B 47 6.22 -1.25 -22.16
N ALA B 48 6.03 -1.79 -20.95
CA ALA B 48 5.82 -3.20 -20.72
C ALA B 48 4.69 -3.34 -19.74
N ARG B 49 3.82 -4.31 -19.96
CA ARG B 49 2.70 -4.57 -19.08
C ARG B 49 2.62 -6.07 -18.86
N GLY B 50 2.23 -6.44 -17.65
CA GLY B 50 2.06 -7.85 -17.38
C GLY B 50 1.06 -8.03 -16.27
N SER B 51 0.44 -9.22 -16.25
CA SER B 51 -0.49 -9.51 -15.16
C SER B 51 -0.47 -11.00 -14.86
N CYS B 52 -0.81 -11.32 -13.61
CA CYS B 52 -1.08 -12.67 -13.14
C CYS B 52 -2.28 -12.61 -12.21
N THR B 53 -3.33 -13.39 -12.51
CA THR B 53 -4.55 -13.43 -11.72
C THR B 53 -4.74 -14.84 -11.20
N PHE B 54 -5.48 -14.96 -10.08
CA PHE B 54 -5.85 -16.26 -9.55
C PHE B 54 -7.32 -16.29 -9.15
N ALA B 55 -7.88 -17.49 -9.19
CA ALA B 55 -9.21 -17.81 -8.70
C ALA B 55 -9.06 -19.00 -7.77
N LEU B 56 -9.37 -18.80 -6.51
CA LEU B 56 -9.19 -19.79 -5.47
C LEU B 56 -10.57 -20.23 -5.01
N THR B 57 -10.95 -21.46 -5.30
CA THR B 57 -12.25 -21.96 -4.89
C THR B 57 -12.06 -22.69 -3.58
N LEU B 58 -12.85 -22.26 -2.59
CA LEU B 58 -12.77 -22.69 -1.20
C LEU B 58 -14.13 -23.27 -0.84
N LYS B 59 -14.14 -24.53 -0.40
CA LYS B 59 -15.36 -25.21 0.01
C LYS B 59 -15.25 -25.57 1.49
N ALA B 60 -16.20 -25.09 2.27
CA ALA B 60 -16.18 -25.36 3.70
C ALA B 60 -16.85 -26.71 3.99
N PRO B 61 -16.29 -27.56 4.87
CA PRO B 61 -16.84 -28.89 5.10
C PRO B 61 -17.93 -28.96 6.18
N ALA B 62 -18.99 -29.74 5.95
CA ALA B 62 -20.02 -29.96 6.99
C ALA B 62 -20.39 -28.66 7.70
N GLY B 63 -20.40 -28.69 9.03
CA GLY B 63 -20.77 -27.50 9.82
C GLY B 63 -19.54 -26.68 10.14
N LYS B 64 -18.89 -26.14 9.10
CA LYS B 64 -17.65 -25.35 9.32
C LYS B 64 -17.62 -24.14 8.38
N LYS B 65 -16.80 -23.15 8.70
CA LYS B 65 -16.66 -21.94 7.90
C LYS B 65 -15.19 -21.73 7.59
N ILE B 66 -14.89 -21.22 6.40
CA ILE B 66 -13.53 -20.95 5.97
C ILE B 66 -13.33 -19.45 6.04
N VAL B 67 -12.24 -19.00 6.67
CA VAL B 67 -11.94 -17.58 6.85
C VAL B 67 -10.55 -17.28 6.31
N VAL B 68 -10.46 -16.27 5.45
CA VAL B 68 -9.22 -15.85 4.80
C VAL B 68 -8.96 -14.43 5.22
N ARG B 69 -7.75 -14.20 5.77
CA ARG B 69 -7.27 -12.92 6.29
C ARG B 69 -5.78 -12.75 6.00
N ASP B 70 -5.32 -11.52 6.21
CA ASP B 70 -3.89 -11.18 6.32
C ASP B 70 -3.08 -11.66 5.10
N SER B 71 -3.42 -11.12 3.94
CA SER B 71 -2.63 -11.38 2.75
C SER B 71 -1.30 -10.61 2.81
N GLN B 72 -0.31 -11.14 2.11
CA GLN B 72 1.05 -10.59 2.13
C GLN B 72 1.75 -10.96 0.85
N GLN B 73 2.29 -9.97 0.15
CA GLN B 73 2.99 -10.22 -1.10
C GLN B 73 4.20 -9.32 -1.17
N LEU B 74 5.38 -9.90 -1.29
CA LEU B 74 6.59 -9.11 -1.42
C LEU B 74 6.70 -8.62 -2.86
N ILE B 75 6.75 -7.31 -3.06
CA ILE B 75 6.89 -6.71 -4.38
C ILE B 75 8.18 -5.92 -4.43
N SER B 76 8.93 -6.10 -5.51
CA SER B 76 10.23 -5.49 -5.69
C SER B 76 10.25 -4.78 -7.04
N LEU B 77 10.43 -3.47 -7.03
CA LEU B 77 10.49 -2.64 -8.23
C LEU B 77 11.88 -2.03 -8.41
N ARG B 78 12.34 -1.98 -9.66
CA ARG B 78 13.62 -1.38 -10.02
C ARG B 78 13.43 -0.59 -11.30
N ALA B 79 13.88 0.66 -11.31
CA ALA B 79 13.71 1.54 -12.46
C ALA B 79 15.02 2.23 -12.78
N TYR B 80 15.39 2.30 -14.07
CA TYR B 80 16.64 2.95 -14.37
C TYR B 80 16.40 4.23 -15.19
N PRO B 81 17.27 5.23 -15.07
CA PRO B 81 17.06 6.48 -15.83
C PRO B 81 17.07 6.20 -17.32
N GLN B 82 16.43 7.08 -18.08
CA GLN B 82 15.89 8.38 -17.74
C GLN B 82 14.37 8.34 -17.68
N GLN B 83 13.81 8.99 -16.66
CA GLN B 83 12.37 9.21 -16.53
C GLN B 83 11.58 7.95 -16.89
N THR B 84 11.80 6.89 -16.09
CA THR B 84 11.12 5.61 -16.25
C THR B 84 10.38 5.28 -14.96
N ARG B 85 9.08 4.96 -15.07
CA ARG B 85 8.30 4.60 -13.89
C ARG B 85 7.89 3.14 -13.93
N VAL B 86 7.83 2.56 -12.74
CA VAL B 86 7.44 1.17 -12.56
C VAL B 86 6.33 1.13 -11.53
N LYS B 87 5.26 0.41 -11.86
CA LYS B 87 4.07 0.42 -10.99
C LYS B 87 3.48 -0.97 -10.91
N ALA B 88 3.18 -1.41 -9.70
CA ALA B 88 2.41 -2.62 -9.45
C ALA B 88 1.06 -2.28 -8.82
N GLU B 89 0.02 -3.02 -9.21
CA GLU B 89 -1.32 -2.92 -8.64
C GLU B 89 -1.79 -4.30 -8.25
N VAL B 90 -2.38 -4.39 -7.07
CA VAL B 90 -2.79 -5.67 -6.54
C VAL B 90 -4.16 -5.52 -5.92
N GLU B 91 -4.99 -6.54 -6.11
CA GLU B 91 -6.37 -6.51 -5.59
C GLU B 91 -6.85 -7.93 -5.29
N ILE B 92 -7.27 -8.16 -4.05
CA ILE B 92 -7.85 -9.44 -3.69
C ILE B 92 -9.28 -9.21 -3.22
N PHE B 93 -10.17 -10.13 -3.58
CA PHE B 93 -11.58 -9.86 -3.26
C PHE B 93 -12.39 -11.14 -3.41
N LYS B 94 -13.50 -11.20 -2.68
CA LYS B 94 -14.46 -12.27 -2.87
C LYS B 94 -15.21 -12.04 -4.19
N ALA B 95 -15.30 -13.07 -5.02
CA ALA B 95 -16.02 -12.90 -6.28
C ALA B 95 -17.39 -12.34 -6.03
N GLY B 96 -17.77 -11.35 -6.82
CA GLY B 96 -19.05 -10.66 -6.69
C GLY B 96 -19.05 -9.48 -5.74
N SER B 97 -18.04 -9.37 -4.88
CA SER B 97 -17.89 -8.28 -3.92
C SER B 97 -16.81 -7.33 -4.41
N GLN B 98 -16.74 -6.19 -3.75
CA GLN B 98 -15.68 -5.22 -3.99
C GLN B 98 -14.47 -5.58 -3.14
N GLY B 99 -13.30 -5.13 -3.60
CA GLY B 99 -12.11 -5.21 -2.80
C GLY B 99 -11.43 -3.86 -2.78
N ALA B 100 -10.41 -3.75 -1.98
CA ALA B 100 -9.56 -2.56 -1.96
C ALA B 100 -8.34 -2.78 -2.85
N LYS B 101 -8.05 -1.80 -3.71
CA LYS B 101 -6.95 -1.89 -4.66
C LYS B 101 -5.76 -1.14 -4.07
N GLN B 102 -4.57 -1.74 -4.15
CA GLN B 102 -3.36 -1.10 -3.70
C GLN B 102 -2.36 -1.02 -4.84
N THR B 103 -1.58 0.08 -4.87
CA THR B 103 -0.52 0.26 -5.87
C THR B 103 0.78 0.69 -5.18
N LEU B 104 1.89 0.34 -5.81
CA LEU B 104 3.22 0.71 -5.37
C LEU B 104 3.96 1.15 -6.62
N GLU B 105 4.64 2.30 -6.57
CA GLU B 105 5.18 2.88 -7.79
C GLU B 105 6.45 3.66 -7.46
N ILE B 106 7.46 3.56 -8.35
CA ILE B 106 8.66 4.38 -8.27
C ILE B 106 8.95 4.96 -9.64
N VAL B 107 9.72 6.05 -9.66
CA VAL B 107 10.06 6.71 -10.95
C VAL B 107 11.54 7.11 -10.92
N ALA B 108 12.34 6.52 -11.80
CA ALA B 108 13.75 6.94 -11.90
C ALA B 108 13.79 8.19 -12.78
N ALA B 109 14.44 9.24 -12.30
CA ALA B 109 14.57 10.49 -13.09
C ALA B 109 15.96 10.50 -13.75
N GLU B 110 16.98 10.90 -12.99
CA GLU B 110 18.36 10.91 -13.53
C GLU B 110 19.15 9.78 -12.84
N LYS B 111 18.57 9.18 -11.80
CA LYS B 111 19.28 8.12 -11.05
C LYS B 111 18.43 6.85 -10.98
N ALA B 112 19.08 5.70 -10.76
CA ALA B 112 18.38 4.45 -10.60
C ALA B 112 17.56 4.50 -9.32
N GLU B 113 16.43 3.77 -9.29
CA GLU B 113 15.59 3.71 -8.10
C GLU B 113 15.14 2.27 -7.86
N LYS B 114 14.86 1.95 -6.60
CA LYS B 114 14.38 0.62 -6.24
C LYS B 114 13.47 0.75 -5.02
N THR B 115 12.57 -0.21 -4.85
CA THR B 115 11.80 -0.35 -3.61
C THR B 115 11.35 -1.79 -3.46
N THR B 116 11.29 -2.24 -2.22
CA THR B 116 10.87 -3.60 -1.90
C THR B 116 9.94 -3.50 -0.71
N GLN B 117 8.68 -3.85 -0.92
CA GLN B 117 7.68 -3.68 0.12
C GLN B 117 6.80 -4.91 0.22
N TYR B 118 6.24 -5.13 1.40
CA TYR B 118 5.12 -6.03 1.50
C TYR B 118 3.83 -5.26 1.20
N VAL B 119 2.99 -5.84 0.37
CA VAL B 119 1.68 -5.31 0.04
C VAL B 119 0.64 -6.38 0.42
N GLY B 120 -0.36 -5.99 1.22
CA GLY B 120 -1.36 -6.96 1.67
C GLY B 120 -2.38 -6.28 2.54
N GLN B 121 -3.45 -7.00 2.82
CA GLN B 121 -4.55 -6.51 3.62
C GLN B 121 -4.57 -7.31 4.92
N LYS B 122 -4.58 -6.63 6.06
CA LYS B 122 -4.53 -7.35 7.31
C LYS B 122 -5.90 -7.97 7.68
N ASP B 123 -6.99 -7.35 7.24
CA ASP B 123 -8.31 -7.71 7.72
C ASP B 123 -8.87 -8.93 6.98
N VAL B 124 -10.07 -9.38 7.36
CA VAL B 124 -10.67 -10.55 6.72
C VAL B 124 -10.96 -10.24 5.25
N LEU B 125 -10.48 -11.09 4.35
CA LEU B 125 -10.77 -10.97 2.92
C LEU B 125 -11.95 -11.82 2.48
N LEU B 126 -12.21 -12.94 3.14
CA LEU B 126 -13.28 -13.82 2.68
C LEU B 126 -13.74 -14.67 3.83
N GLU B 127 -15.04 -14.98 3.87
CA GLU B 127 -15.62 -15.80 4.92
C GLU B 127 -16.84 -16.49 4.32
N THR B 128 -16.75 -17.81 4.13
CA THR B 128 -17.86 -18.57 3.59
C THR B 128 -18.96 -18.71 4.62
N ALA B 129 -20.14 -19.10 4.15
CA ALA B 129 -21.19 -19.56 5.05
C ALA B 129 -20.83 -20.93 5.59
N CYS B 130 -21.64 -21.43 6.53
CA CYS B 130 -21.39 -22.73 7.15
C CYS B 130 -21.61 -23.83 6.13
N GLY B 131 -20.58 -24.64 5.91
CA GLY B 131 -20.58 -25.62 4.84
C GLY B 131 -20.65 -25.00 3.46
N GLY B 132 -20.27 -23.72 3.32
CA GLY B 132 -20.48 -22.97 2.10
C GLY B 132 -19.28 -23.01 1.18
N SER B 133 -19.46 -22.35 0.03
CA SER B 133 -18.44 -22.30 -1.02
C SER B 133 -18.29 -20.86 -1.49
N ASP B 134 -17.03 -20.46 -1.67
CA ASP B 134 -16.77 -19.12 -2.17
C ASP B 134 -15.46 -19.15 -2.95
N ILE B 135 -15.29 -18.11 -3.79
CA ILE B 135 -14.14 -17.95 -4.67
C ILE B 135 -13.43 -16.67 -4.28
N LEU B 136 -12.14 -16.77 -4.01
CA LEU B 136 -11.31 -15.61 -3.77
C LEU B 136 -10.60 -15.34 -5.07
N ARG B 137 -10.72 -14.12 -5.57
N ARG B 137 -10.70 -14.11 -5.56
CA ARG B 137 -10.03 -13.72 -6.79
CA ARG B 137 -10.02 -13.69 -6.76
C ARG B 137 -8.90 -12.76 -6.42
C ARG B 137 -8.88 -12.75 -6.40
N GLY B 138 -7.84 -12.76 -7.23
CA GLY B 138 -6.74 -11.83 -7.06
C GLY B 138 -6.22 -11.37 -8.40
N ASN B 139 -6.20 -10.07 -8.63
CA ASN B 139 -5.59 -9.48 -9.82
C ASN B 139 -4.25 -8.91 -9.40
N LEU B 140 -3.21 -9.16 -10.17
CA LEU B 140 -1.94 -8.52 -9.92
C LEU B 140 -1.32 -8.08 -11.23
N SER B 141 -0.84 -6.84 -11.30
CA SER B 141 -0.34 -6.36 -12.58
C SER B 141 0.74 -5.32 -12.37
N ALA B 142 1.59 -5.15 -13.39
CA ALA B 142 2.65 -4.17 -13.39
C ALA B 142 2.75 -3.50 -14.75
N THR B 143 3.21 -2.26 -14.72
CA THR B 143 3.41 -1.42 -15.87
C THR B 143 4.76 -0.73 -15.73
N ILE B 144 5.55 -0.75 -16.79
CA ILE B 144 6.83 -0.06 -16.86
C ILE B 144 6.72 0.92 -18.01
N ILE B 145 7.01 2.18 -17.76
CA ILE B 145 6.83 3.19 -18.77
C ILE B 145 8.06 4.06 -18.84
N GLY B 146 8.56 4.30 -20.05
CA GLY B 146 9.60 5.30 -20.25
C GLY B 146 10.73 4.74 -21.09
N GLU B 147 11.83 5.49 -21.11
CA GLU B 147 12.96 5.17 -21.97
C GLU B 147 13.98 4.22 -21.31
N GLY B 148 14.03 4.10 -19.98
CA GLY B 148 15.06 3.31 -19.36
C GLY B 148 14.62 1.87 -19.15
N LYS B 149 15.54 1.05 -18.65
CA LYS B 149 15.19 -0.33 -18.32
C LYS B 149 14.34 -0.35 -17.05
N GLY B 150 13.62 -1.46 -16.84
CA GLY B 150 12.82 -1.56 -15.62
C GLY B 150 12.39 -2.99 -15.33
N ARG B 151 12.08 -3.25 -14.05
CA ARG B 151 11.67 -4.58 -13.64
C ARG B 151 10.70 -4.48 -12.50
N ALA B 152 9.65 -5.30 -12.58
CA ALA B 152 8.67 -5.47 -11.53
C ALA B 152 8.64 -6.94 -11.21
N PHE B 153 8.89 -7.28 -9.95
CA PHE B 153 8.91 -8.66 -9.51
C PHE B 153 8.06 -8.81 -8.26
N ALA B 154 7.07 -9.71 -8.28
CA ALA B 154 6.20 -9.99 -7.14
C ALA B 154 6.35 -11.46 -6.77
N LYS B 155 6.72 -11.74 -5.52
CA LYS B 155 6.72 -13.12 -5.08
C LYS B 155 5.28 -13.58 -4.88
N ASN B 156 5.11 -14.89 -4.78
CA ASN B 156 3.79 -15.47 -4.57
C ASN B 156 3.11 -14.86 -3.36
N VAL B 157 1.78 -14.76 -3.43
CA VAL B 157 1.03 -14.19 -2.31
C VAL B 157 0.84 -15.27 -1.24
N THR B 158 0.93 -14.90 0.04
CA THR B 158 0.60 -15.85 1.08
C THR B 158 -0.64 -15.34 1.81
N LEU B 159 -1.43 -16.27 2.33
CA LEU B 159 -2.75 -16.01 2.90
C LEU B 159 -2.91 -16.81 4.16
N ASP B 160 -3.60 -16.24 5.16
CA ASP B 160 -4.03 -17.00 6.33
C ASP B 160 -5.42 -17.55 6.04
N ILE B 161 -5.52 -18.89 5.90
CA ILE B 161 -6.79 -19.58 5.69
C ILE B 161 -7.03 -20.54 6.84
N GLN B 162 -8.21 -20.44 7.45
CA GLN B 162 -8.51 -21.24 8.64
C GLN B 162 -9.94 -21.74 8.63
N GLU B 163 -10.13 -23.01 9.00
CA GLU B 163 -11.46 -23.58 9.22
C GLU B 163 -11.90 -23.32 10.64
N VAL B 164 -13.13 -22.85 10.78
CA VAL B 164 -13.68 -22.48 12.07
C VAL B 164 -14.96 -23.27 12.33
N ASP B 165 -15.15 -23.67 13.58
CA ASP B 165 -16.30 -24.46 13.94
C ASP B 165 -17.55 -23.60 14.04
N CYS B 166 -18.60 -23.99 13.34
CA CYS B 166 -19.90 -23.38 13.52
C CYS B 166 -20.54 -24.01 14.76
N ASN B 167 -20.55 -23.26 15.88
CA ASN B 167 -21.15 -23.79 17.11
C ASN B 167 -22.02 -22.76 17.82
N LEU B 168 -22.33 -21.63 17.20
CA LEU B 168 -23.26 -20.66 17.77
C LEU B 168 -24.43 -20.50 16.81
N GLU B 169 -25.39 -19.71 17.24
CA GLU B 169 -26.57 -19.45 16.43
C GLU B 169 -26.87 -17.95 16.45
N HIS B 170 -27.16 -17.41 15.27
CA HIS B 170 -27.49 -15.97 15.16
C HIS B 170 -28.92 -15.83 14.61
C1 GOL C . -3.37 7.46 16.85
O1 GOL C . -4.80 7.41 16.84
C2 GOL C . -2.84 8.41 15.79
O2 GOL C . -3.39 9.71 16.01
C3 GOL C . -1.33 8.48 15.77
O3 GOL C . -0.86 9.52 14.91
H11 GOL C . -3.06 7.76 17.73
H12 GOL C . -3.01 6.56 16.68
HO1 GOL C . -5.09 8.19 16.96
H2 GOL C . -3.15 8.09 14.91
HO2 GOL C . -3.16 10.20 15.35
H31 GOL C . -0.98 7.62 15.46
H32 GOL C . -1.00 8.64 16.68
HO3 GOL C . -1.11 10.26 15.23
C1 EDO D . 8.33 13.58 -5.78
O1 EDO D . 9.16 13.72 -6.93
C2 EDO D . 8.14 12.09 -5.48
O2 EDO D . 9.41 11.47 -5.24
H11 EDO D . 7.35 14.05 -5.95
H12 EDO D . 8.79 14.08 -4.93
HO1 EDO D . 9.88 13.08 -6.90
H21 EDO D . 7.65 11.61 -6.33
H22 EDO D . 7.50 11.98 -4.60
HO2 EDO D . 9.28 10.64 -4.76
C1 EDO E . 0.24 -1.68 2.69
O1 EDO E . -0.06 -2.85 1.89
C2 EDO E . 1.75 -1.41 2.63
O2 EDO E . 2.18 -0.44 3.60
H11 EDO E . -0.07 -1.85 3.73
H12 EDO E . -0.31 -0.83 2.31
HO1 EDO E . 0.07 -2.64 0.96
H21 EDO E . 2.00 -1.04 1.62
H22 EDO E . 2.28 -2.35 2.78
HO2 EDO E . 1.84 0.43 3.35
C1 EDO F . -13.72 -5.96 -8.51
O1 EDO F . -12.59 -5.68 -9.35
C2 EDO F . -13.42 -5.51 -7.08
O2 EDO F . -13.62 -4.09 -6.97
H11 EDO F . -13.93 -7.04 -8.52
H12 EDO F . -14.61 -5.45 -8.88
HO1 EDO F . -12.81 -5.88 -10.27
H21 EDO F . -12.38 -5.75 -6.84
H22 EDO F . -14.07 -6.03 -6.38
HO2 EDO F . -13.12 -3.64 -7.66
C1 EDO G . 18.18 5.68 -21.21
O1 EDO G . 17.19 6.73 -21.27
C2 EDO G . 19.50 5.99 -21.94
O2 EDO G . 20.21 7.16 -21.45
H11 EDO G . 17.75 4.78 -21.65
H12 EDO G . 18.41 5.48 -20.17
HO1 EDO G . 17.47 7.40 -21.90
H21 EDO G . 19.30 6.13 -23.00
H22 EDO G . 20.17 5.13 -21.85
HO2 EDO G . 19.70 7.56 -20.74
#